data_3LOF
#
_entry.id   3LOF
#
_cell.length_a   70.702
_cell.length_b   71.880
_cell.length_c   143.159
_cell.angle_alpha   90.000
_cell.angle_beta   90.000
_cell.angle_gamma   90.000
#
_symmetry.space_group_name_H-M   'P 2 2 21'
#
loop_
_entity.id
_entity.type
_entity.pdbx_description
1 polymer 'Heat shock 70 kDa protein 1'
2 water water
#
_entity_poly.entity_id   1
_entity_poly.type   'polypeptide(L)'
_entity_poly.pdbx_seq_one_letter_code
;SNAAAERVSAKNALESYAFN(MSE)KSAVEDEGLKGKISEADKKKVLDKCQEVISWLDANTLAEKDEFEHKRKELEQVCN
PIISGLYQGAGGPGPGGFGAQGPKGGSGSGPTIEEVD
;
_entity_poly.pdbx_strand_id   A,B,C,D,E,F
#
# COMPACT_ATOMS: atom_id res chain seq x y z
N ASN A 2 -3.74 14.49 -9.23
CA ASN A 2 -3.53 13.11 -9.78
C ASN A 2 -4.62 12.22 -9.23
N ALA A 3 -5.48 11.73 -10.10
CA ALA A 3 -6.64 10.97 -9.66
C ALA A 3 -6.30 9.72 -8.80
N ALA A 4 -5.24 9.01 -9.21
CA ALA A 4 -4.81 7.76 -8.59
C ALA A 4 -4.44 8.02 -7.17
N ALA A 5 -3.66 9.07 -6.98
CA ALA A 5 -3.25 9.51 -5.65
C ALA A 5 -4.41 10.01 -4.80
N GLU A 6 -5.36 10.72 -5.37
CA GLU A 6 -6.50 11.15 -4.52
C GLU A 6 -7.28 9.96 -4.09
N ARG A 7 -7.41 8.98 -4.98
CA ARG A 7 -8.18 7.83 -4.61
C ARG A 7 -7.46 7.13 -3.41
N VAL A 8 -6.15 7.01 -3.47
CA VAL A 8 -5.44 6.23 -2.49
C VAL A 8 -5.47 6.97 -1.17
N SER A 9 -5.40 8.30 -1.24
CA SER A 9 -5.42 9.14 -0.05
CA SER A 9 -5.40 9.13 -0.02
C SER A 9 -6.73 8.98 0.66
N ALA A 10 -7.81 8.91 -0.12
CA ALA A 10 -9.15 8.73 0.47
C ALA A 10 -9.30 7.35 1.12
N LYS A 11 -8.76 6.35 0.47
CA LYS A 11 -8.87 4.99 1.00
C LYS A 11 -8.06 4.88 2.31
N ASN A 12 -6.87 5.45 2.29
CA ASN A 12 -6.00 5.42 3.45
C ASN A 12 -6.60 6.16 4.68
N ALA A 13 -7.31 7.23 4.42
CA ALA A 13 -7.83 8.04 5.48
C ALA A 13 -8.96 7.22 6.08
N LEU A 14 -9.76 6.55 5.27
CA LEU A 14 -10.86 5.74 5.78
C LEU A 14 -10.31 4.57 6.60
N GLU A 15 -9.27 3.93 6.09
CA GLU A 15 -8.70 2.83 6.79
C GLU A 15 -8.12 3.31 8.08
N SER A 16 -7.37 4.41 8.04
CA SER A 16 -6.69 4.90 9.24
C SER A 16 -7.72 5.15 10.34
N TYR A 17 -8.82 5.76 9.96
CA TYR A 17 -9.82 6.20 10.92
C TYR A 17 -10.44 4.98 11.61
N ALA A 18 -10.85 4.00 10.81
CA ALA A 18 -11.50 2.80 11.36
C ALA A 18 -10.63 2.10 12.37
N PHE A 19 -9.37 1.90 12.03
CA PHE A 19 -8.48 1.17 12.93
C PHE A 19 -8.03 1.99 14.11
N ASN A 20 -7.85 3.29 13.90
CA ASN A 20 -7.42 4.14 15.00
C ASN A 20 -8.54 4.36 16.00
N LYS A 22 -11.08 2.32 16.53
CA LYS A 22 -11.25 1.01 17.15
C LYS A 22 -10.31 0.83 18.33
N SER A 23 -9.06 1.21 18.10
CA SER A 23 -8.04 1.08 19.09
C SER A 23 -8.29 2.05 20.24
N ALA A 24 -8.64 3.31 19.89
CA ALA A 24 -8.94 4.34 20.87
C ALA A 24 -10.00 3.89 21.86
N VAL A 25 -11.12 3.38 21.39
CA VAL A 25 -12.18 3.00 22.32
C VAL A 25 -11.93 1.66 23.04
N GLU A 26 -11.05 0.81 22.52
CA GLU A 26 -10.71 -0.46 23.19
C GLU A 26 -9.72 -0.25 24.34
N ASP A 27 -9.37 1.01 24.57
CA ASP A 27 -8.32 1.39 25.48
C ASP A 27 -8.83 1.31 26.92
N GLU A 28 -8.16 0.48 27.73
CA GLU A 28 -8.55 0.20 29.11
C GLU A 28 -8.57 1.50 29.94
N GLY A 29 -7.78 2.48 29.50
CA GLY A 29 -7.79 3.81 30.13
C GLY A 29 -8.91 4.77 29.68
N LEU A 30 -9.91 4.25 28.95
CA LEU A 30 -11.17 4.99 28.69
C LEU A 30 -12.40 4.34 29.42
N LYS A 31 -12.12 3.33 30.23
CA LYS A 31 -13.11 2.73 31.15
C LYS A 31 -13.85 3.80 31.98
N GLY A 32 -15.14 3.95 31.73
CA GLY A 32 -15.97 4.90 32.49
C GLY A 32 -15.84 6.33 31.99
N LYS A 33 -15.16 6.49 30.84
CA LYS A 33 -15.07 7.76 30.09
C LYS A 33 -16.00 7.71 28.87
N ILE A 34 -16.17 6.51 28.32
CA ILE A 34 -17.15 6.24 27.28
C ILE A 34 -18.20 5.24 27.80
N SER A 35 -19.46 5.49 27.47
CA SER A 35 -20.55 4.56 27.84
C SER A 35 -20.46 3.29 27.01
N GLU A 36 -20.92 2.18 27.57
CA GLU A 36 -20.89 0.91 26.87
C GLU A 36 -21.67 0.96 25.56
N ALA A 37 -22.75 1.70 25.53
CA ALA A 37 -23.54 1.85 24.33
C ALA A 37 -22.74 2.61 23.27
N ASP A 38 -22.07 3.69 23.67
CA ASP A 38 -21.27 4.45 22.74
C ASP A 38 -20.11 3.59 22.19
N LYS A 39 -19.48 2.84 23.07
CA LYS A 39 -18.37 1.99 22.68
C LYS A 39 -18.82 0.91 21.70
N LYS A 40 -19.89 0.21 22.01
CA LYS A 40 -20.38 -0.85 21.12
C LYS A 40 -20.76 -0.27 19.77
N LYS A 41 -21.37 0.89 19.77
CA LYS A 41 -21.71 1.52 18.55
C LYS A 41 -20.46 1.85 17.71
N VAL A 42 -19.45 2.41 18.35
CA VAL A 42 -18.28 2.77 17.59
C VAL A 42 -17.68 1.50 17.02
N LEU A 43 -17.47 0.51 17.86
CA LEU A 43 -16.82 -0.73 17.42
C LEU A 43 -17.55 -1.36 16.25
N ASP A 44 -18.87 -1.40 16.29
CA ASP A 44 -19.65 -2.07 15.25
C ASP A 44 -19.49 -1.35 13.94
N LYS A 45 -19.48 -0.03 14.00
CA LYS A 45 -19.33 0.73 12.79
C LYS A 45 -17.90 0.54 12.25
N CYS A 46 -16.91 0.55 13.13
CA CYS A 46 -15.53 0.31 12.70
C CYS A 46 -15.44 -1.03 12.02
N GLN A 47 -16.01 -2.05 12.62
CA GLN A 47 -15.96 -3.33 11.97
C GLN A 47 -16.69 -3.32 10.66
N GLU A 48 -17.81 -2.63 10.55
CA GLU A 48 -18.53 -2.74 9.29
C GLU A 48 -17.77 -2.04 8.21
N VAL A 49 -17.06 -1.00 8.56
CA VAL A 49 -16.33 -0.27 7.59
C VAL A 49 -15.13 -1.11 7.10
N ILE A 50 -14.47 -1.76 8.06
CA ILE A 50 -13.32 -2.54 7.77
C ILE A 50 -13.73 -3.67 6.84
N SER A 51 -14.89 -4.24 7.13
CA SER A 51 -15.44 -5.30 6.33
C SER A 51 -15.88 -4.86 4.90
N TRP A 52 -16.42 -3.64 4.80
CA TRP A 52 -16.72 -3.03 3.51
C TRP A 52 -15.41 -2.78 2.72
N LEU A 53 -14.39 -2.34 3.42
CA LEU A 53 -13.15 -1.99 2.77
C LEU A 53 -12.41 -3.19 2.24
N ASP A 54 -12.47 -4.29 3.00
CA ASP A 54 -11.96 -5.58 2.53
C ASP A 54 -12.64 -5.99 1.20
N ALA A 55 -13.92 -5.68 1.05
CA ALA A 55 -14.64 -6.04 -0.15
C ALA A 55 -14.53 -4.98 -1.25
N ASN A 56 -13.93 -3.82 -0.99
CA ASN A 56 -14.01 -2.71 -1.93
C ASN A 56 -12.71 -2.02 -2.03
N THR A 57 -11.66 -2.79 -2.04
CA THR A 57 -10.33 -2.26 -2.09
C THR A 57 -10.11 -1.37 -3.32
N LEU A 58 -10.74 -1.73 -4.44
CA LEU A 58 -10.50 -1.01 -5.69
C LEU A 58 -11.70 -0.11 -6.09
N ALA A 59 -12.45 0.35 -5.08
CA ALA A 59 -13.59 1.27 -5.24
C ALA A 59 -13.08 2.63 -5.65
N GLU A 60 -14.01 3.48 -6.06
CA GLU A 60 -13.72 4.88 -6.37
C GLU A 60 -13.51 5.83 -5.16
N LYS A 61 -12.72 6.88 -5.36
CA LYS A 61 -12.47 7.90 -4.34
C LYS A 61 -13.71 8.30 -3.59
N ASP A 62 -14.77 8.62 -4.31
CA ASP A 62 -15.91 9.16 -3.64
C ASP A 62 -16.70 8.13 -2.89
N GLU A 63 -16.51 6.86 -3.17
CA GLU A 63 -17.14 5.82 -2.36
C GLU A 63 -16.40 5.75 -0.99
N PHE A 64 -15.09 5.95 -0.99
CA PHE A 64 -14.39 5.91 0.27
C PHE A 64 -14.81 7.13 1.07
N GLU A 65 -15.04 8.23 0.38
CA GLU A 65 -15.43 9.44 1.06
C GLU A 65 -16.80 9.30 1.71
N HIS A 66 -17.80 8.81 0.95
CA HIS A 66 -19.13 8.53 1.53
C HIS A 66 -19.02 7.68 2.78
N LYS A 67 -18.28 6.58 2.68
CA LYS A 67 -18.14 5.68 3.78
C LYS A 67 -17.51 6.37 5.00
N ARG A 68 -16.49 7.19 4.74
CA ARG A 68 -15.76 7.87 5.79
C ARG A 68 -16.68 8.84 6.52
N LYS A 69 -17.54 9.52 5.78
CA LYS A 69 -18.41 10.50 6.40
C LYS A 69 -19.42 9.79 7.29
N GLU A 70 -19.87 8.61 6.85
CA GLU A 70 -20.78 7.78 7.63
C GLU A 70 -20.10 7.45 8.98
N LEU A 71 -18.84 7.09 8.94
CA LEU A 71 -18.12 6.69 10.13
C LEU A 71 -17.93 7.88 11.03
N GLU A 72 -17.65 9.02 10.43
CA GLU A 72 -17.51 10.24 11.19
C GLU A 72 -18.79 10.62 11.97
N GLN A 73 -19.95 10.59 11.32
CA GLN A 73 -21.23 10.96 11.97
C GLN A 73 -21.47 10.15 13.24
N VAL A 74 -21.00 8.92 13.24
CA VAL A 74 -21.09 8.09 14.43
C VAL A 74 -20.00 8.44 15.45
N CYS A 75 -18.81 8.78 14.97
CA CYS A 75 -17.71 8.94 15.89
C CYS A 75 -17.58 10.32 16.49
N ASN A 76 -17.97 11.33 15.71
CA ASN A 76 -17.74 12.70 16.11
C ASN A 76 -18.36 13.05 17.47
N PRO A 77 -19.64 12.71 17.68
CA PRO A 77 -20.15 13.04 19.02
C PRO A 77 -19.25 12.47 20.14
N ILE A 78 -18.80 11.22 19.97
CA ILE A 78 -18.00 10.55 20.98
C ILE A 78 -16.70 11.31 21.14
N ILE A 79 -16.03 11.56 20.03
CA ILE A 79 -14.76 12.29 20.04
C ILE A 79 -14.91 13.62 20.75
N SER A 80 -15.93 14.37 20.37
CA SER A 80 -16.24 15.65 20.99
C SER A 80 -16.53 15.52 22.51
N GLY A 81 -17.27 14.47 22.88
CA GLY A 81 -17.59 14.15 24.28
C GLY A 81 -16.36 13.89 25.13
N LEU A 82 -15.41 13.16 24.56
CA LEU A 82 -14.11 12.92 25.19
C LEU A 82 -13.17 14.14 25.20
N TYR A 83 -13.18 15.01 24.18
CA TYR A 83 -12.41 16.24 24.29
C TYR A 83 -13.08 17.28 25.17
N GLN A 84 -14.36 17.10 25.47
CA GLN A 84 -15.08 18.04 26.35
C GLN A 84 -14.91 17.68 27.84
N GLY A 85 -14.82 16.39 28.15
CA GLY A 85 -14.75 15.89 29.53
C GLY A 85 -13.32 15.72 30.02
N ASN B 2 -34.44 22.52 31.79
CA ASN B 2 -35.38 23.48 31.10
C ASN B 2 -34.81 24.21 29.85
N ALA B 3 -35.69 24.89 29.10
CA ALA B 3 -35.33 25.41 27.76
C ALA B 3 -34.20 26.44 27.82
N ALA B 4 -34.27 27.35 28.77
CA ALA B 4 -33.23 28.36 28.96
C ALA B 4 -31.92 27.68 29.30
N ALA B 5 -31.98 26.67 30.16
CA ALA B 5 -30.78 25.92 30.50
C ALA B 5 -30.20 25.16 29.33
N GLU B 6 -31.02 24.42 28.61
CA GLU B 6 -30.49 23.71 27.43
C GLU B 6 -29.85 24.67 26.42
N ARG B 7 -30.46 25.83 26.22
CA ARG B 7 -29.94 26.77 25.22
C ARG B 7 -28.52 27.22 25.61
N VAL B 8 -28.33 27.54 26.87
CA VAL B 8 -27.07 28.12 27.31
C VAL B 8 -25.99 27.09 27.31
N SER B 9 -26.36 25.88 27.67
CA SER B 9 -25.50 24.72 27.54
C SER B 9 -25.04 24.37 26.13
N ALA B 10 -25.94 24.42 25.16
CA ALA B 10 -25.48 24.29 23.78
C ALA B 10 -24.53 25.42 23.41
N LYS B 11 -24.82 26.62 23.91
CA LYS B 11 -23.99 27.77 23.55
C LYS B 11 -22.59 27.66 24.14
N ASN B 12 -22.53 27.27 25.39
CA ASN B 12 -21.24 27.06 26.09
C ASN B 12 -20.43 25.90 25.52
N ALA B 13 -21.13 24.87 25.11
CA ALA B 13 -20.49 23.75 24.40
C ALA B 13 -19.81 24.26 23.14
N LEU B 14 -20.51 25.07 22.36
CA LEU B 14 -19.90 25.59 21.14
C LEU B 14 -18.75 26.55 21.43
N GLU B 15 -18.94 27.45 22.35
CA GLU B 15 -17.92 28.46 22.62
C GLU B 15 -16.66 27.82 23.13
N SER B 16 -16.81 26.86 24.00
CA SER B 16 -15.66 26.35 24.67
C SER B 16 -14.90 25.43 23.72
N TYR B 17 -15.61 24.67 22.92
CA TYR B 17 -14.95 23.87 21.87
C TYR B 17 -14.15 24.79 20.91
N ALA B 18 -14.81 25.84 20.39
CA ALA B 18 -14.13 26.75 19.50
C ALA B 18 -12.83 27.29 20.14
N PHE B 19 -12.90 27.82 21.37
CA PHE B 19 -11.67 28.37 21.96
C PHE B 19 -10.63 27.33 22.36
N ASN B 20 -11.07 26.19 22.88
CA ASN B 20 -10.16 25.12 23.26
C ASN B 20 -9.47 24.49 22.03
N LYS B 22 -8.85 26.20 19.18
CA LYS B 22 -7.92 27.22 18.67
C LYS B 22 -6.63 27.11 19.43
N SER B 23 -6.76 26.94 20.74
CA SER B 23 -5.62 26.82 21.59
C SER B 23 -4.90 25.48 21.35
N ALA B 24 -5.65 24.40 21.28
CA ALA B 24 -5.08 23.08 21.13
C ALA B 24 -4.17 23.00 19.86
N VAL B 25 -4.64 23.60 18.78
CA VAL B 25 -4.00 23.46 17.50
C VAL B 25 -2.70 24.24 17.52
N GLU B 26 -2.63 25.28 18.37
CA GLU B 26 -1.40 26.08 18.56
C GLU B 26 -0.45 25.46 19.61
N ASP B 27 -0.65 24.18 19.93
CA ASP B 27 0.40 23.34 20.55
C ASP B 27 0.88 22.29 19.52
N ILE B 34 1.20 18.74 13.38
CA ILE B 34 0.28 18.49 12.27
C ILE B 34 0.60 19.42 11.09
N SER B 35 0.03 19.12 9.95
CA SER B 35 0.19 19.95 8.75
C SER B 35 -0.03 21.47 8.97
N GLU B 36 0.59 22.31 8.15
CA GLU B 36 0.42 23.78 8.29
C GLU B 36 -0.85 24.28 7.60
N ALA B 37 -1.21 23.61 6.51
CA ALA B 37 -2.49 23.83 5.85
C ALA B 37 -3.63 23.41 6.78
N ASP B 38 -3.47 22.29 7.47
CA ASP B 38 -4.51 21.79 8.37
C ASP B 38 -4.71 22.65 9.65
N LYS B 39 -3.61 23.23 10.16
CA LYS B 39 -3.64 24.20 11.24
C LYS B 39 -4.53 25.35 10.80
N LYS B 40 -4.30 25.82 9.59
CA LYS B 40 -4.98 27.01 9.10
C LYS B 40 -6.47 26.70 8.92
N LYS B 41 -6.78 25.54 8.37
CA LYS B 41 -8.16 25.10 8.26
C LYS B 41 -8.92 25.18 9.65
N VAL B 42 -8.30 24.74 10.73
CA VAL B 42 -8.91 24.70 12.05
C VAL B 42 -9.10 26.12 12.54
N LEU B 43 -8.08 26.92 12.36
CA LEU B 43 -8.03 28.23 12.96
C LEU B 43 -9.09 29.13 12.32
N ASP B 44 -9.22 28.98 11.01
CA ASP B 44 -10.13 29.75 10.23
C ASP B 44 -11.55 29.34 10.54
N LYS B 45 -11.78 28.06 10.67
CA LYS B 45 -13.11 27.62 11.01
C LYS B 45 -13.52 28.07 12.46
N CYS B 46 -12.59 27.98 13.41
CA CYS B 46 -12.85 28.39 14.77
C CYS B 46 -13.15 29.87 14.77
N GLN B 47 -12.35 30.60 14.02
CA GLN B 47 -12.55 32.01 13.90
C GLN B 47 -13.89 32.30 13.23
N GLU B 48 -14.29 31.55 12.20
CA GLU B 48 -15.61 31.87 11.64
C GLU B 48 -16.70 31.56 12.63
N VAL B 49 -16.58 30.51 13.44
CA VAL B 49 -17.64 30.16 14.36
C VAL B 49 -17.68 31.21 15.49
N ILE B 50 -16.51 31.70 15.87
CA ILE B 50 -16.44 32.72 16.87
C ILE B 50 -17.12 34.00 16.43
N SER B 51 -16.84 34.46 15.21
CA SER B 51 -17.52 35.62 14.71
C SER B 51 -18.97 35.36 14.60
N TRP B 52 -19.35 34.18 14.15
CA TRP B 52 -20.78 33.90 14.10
C TRP B 52 -21.39 33.97 15.52
N LEU B 53 -20.68 33.45 16.49
CA LEU B 53 -21.22 33.39 17.82
C LEU B 53 -21.39 34.81 18.39
N ASP B 54 -20.48 35.69 18.03
CA ASP B 54 -20.50 37.07 18.47
C ASP B 54 -21.74 37.81 18.00
N ALA B 55 -22.27 37.40 16.86
CA ALA B 55 -23.45 38.07 16.31
C ALA B 55 -24.75 37.30 16.60
N ASN B 56 -24.64 36.16 17.25
CA ASN B 56 -25.81 35.28 17.49
C ASN B 56 -25.86 34.78 18.93
N THR B 57 -25.59 35.70 19.83
CA THR B 57 -25.53 35.43 21.26
C THR B 57 -26.86 34.88 21.81
N LEU B 58 -27.94 35.37 21.28
CA LEU B 58 -29.27 34.94 21.65
C LEU B 58 -29.93 34.04 20.63
N ALA B 59 -29.17 33.24 19.90
CA ALA B 59 -29.77 32.30 18.99
C ALA B 59 -30.40 31.15 19.78
N GLU B 60 -31.05 30.23 19.06
CA GLU B 60 -31.76 29.13 19.64
C GLU B 60 -30.82 27.94 19.80
N LYS B 61 -31.15 27.04 20.70
CA LYS B 61 -30.33 25.84 20.93
C LYS B 61 -29.96 25.09 19.66
N ASP B 62 -30.93 24.85 18.79
CA ASP B 62 -30.64 24.17 17.52
C ASP B 62 -29.61 24.84 16.65
N GLU B 63 -29.59 26.16 16.65
CA GLU B 63 -28.64 26.88 15.82
C GLU B 63 -27.20 26.63 16.34
N PHE B 64 -27.04 26.59 17.67
CA PHE B 64 -25.77 26.35 18.29
C PHE B 64 -25.26 24.97 17.99
N GLU B 65 -26.14 24.01 18.15
CA GLU B 65 -25.78 22.64 17.93
C GLU B 65 -25.39 22.46 16.47
N HIS B 66 -26.16 23.05 15.57
CA HIS B 66 -25.78 22.97 14.18
C HIS B 66 -24.37 23.49 13.92
N LYS B 67 -24.02 24.62 14.51
CA LYS B 67 -22.71 25.19 14.25
C LYS B 67 -21.67 24.33 14.89
N ARG B 68 -21.98 23.68 16.00
CA ARG B 68 -20.98 22.86 16.66
C ARG B 68 -20.66 21.61 15.82
N LYS B 69 -21.68 21.04 15.18
CA LYS B 69 -21.48 19.93 14.26
C LYS B 69 -20.54 20.34 13.14
N GLU B 70 -20.81 21.47 12.52
CA GLU B 70 -19.91 21.93 11.49
C GLU B 70 -18.47 22.01 11.98
N LEU B 71 -18.30 22.60 13.17
CA LEU B 71 -16.98 22.83 13.72
C LEU B 71 -16.28 21.50 14.01
N GLU B 72 -16.97 20.58 14.66
CA GLU B 72 -16.33 19.34 15.02
C GLU B 72 -16.01 18.52 13.74
N GLN B 73 -16.82 18.61 12.69
CA GLN B 73 -16.52 17.87 11.46
C GLN B 73 -15.17 18.20 10.88
N VAL B 74 -14.81 19.49 10.95
CA VAL B 74 -13.55 19.95 10.41
C VAL B 74 -12.42 19.68 11.38
N CYS B 75 -12.69 19.91 12.66
CA CYS B 75 -11.60 19.99 13.63
C CYS B 75 -11.26 18.67 14.23
N ASN B 76 -12.25 17.81 14.43
CA ASN B 76 -12.02 16.55 15.17
C ASN B 76 -10.99 15.64 14.43
N PRO B 77 -11.11 15.53 13.09
CA PRO B 77 -10.22 14.64 12.39
C PRO B 77 -8.82 15.17 12.45
N ILE B 78 -8.65 16.48 12.31
CA ILE B 78 -7.30 17.01 12.21
C ILE B 78 -6.55 16.95 13.55
N ILE B 79 -7.27 17.21 14.63
CA ILE B 79 -6.64 17.35 15.93
C ILE B 79 -6.33 15.98 16.52
N SER B 80 -7.09 14.97 16.14
CA SER B 80 -6.89 13.64 16.68
C SER B 80 -5.84 12.84 15.90
N GLY B 81 -5.44 13.34 14.73
CA GLY B 81 -4.64 12.59 13.79
C GLY B 81 -5.29 11.31 13.28
N LEU B 82 -6.62 11.21 13.34
CA LEU B 82 -7.26 9.95 13.04
C LEU B 82 -7.12 9.51 11.57
N TYR B 83 -6.92 10.44 10.66
CA TYR B 83 -6.81 10.05 9.27
C TYR B 83 -5.44 9.47 8.96
N GLN B 84 -4.53 9.43 9.89
CA GLN B 84 -3.25 8.93 9.46
C GLN B 84 -2.78 7.63 9.97
N GLY B 85 -1.81 7.11 9.24
CA GLY B 85 -1.07 5.93 9.62
C GLY B 85 -1.11 4.87 8.53
N ALA B 86 -2.25 4.73 7.83
CA ALA B 86 -2.41 3.66 6.82
C ALA B 86 -1.51 3.86 5.60
N GLY B 87 -1.11 5.09 5.33
CA GLY B 87 -0.26 5.35 4.18
C GLY B 87 1.19 4.92 4.42
N ASN C 2 0.99 4.53 16.57
CA ASN C 2 -0.43 4.66 16.04
C ASN C 2 -0.93 3.32 15.46
N ALA C 3 -2.20 2.99 15.70
CA ALA C 3 -2.73 1.64 15.40
C ALA C 3 -2.78 1.34 13.92
N ALA C 4 -3.24 2.30 13.14
CA ALA C 4 -3.32 2.12 11.67
C ALA C 4 -1.91 1.90 11.09
N ALA C 5 -0.93 2.67 11.59
CA ALA C 5 0.50 2.52 11.19
C ALA C 5 1.15 1.21 11.67
N GLU C 6 0.96 0.82 12.92
CA GLU C 6 1.43 -0.49 13.35
C GLU C 6 0.85 -1.65 12.56
N ARG C 7 -0.42 -1.64 12.22
CA ARG C 7 -1.01 -2.74 11.48
C ARG C 7 -0.36 -2.82 10.10
N VAL C 8 -0.26 -1.70 9.38
CA VAL C 8 0.32 -1.72 8.04
C VAL C 8 1.78 -2.04 8.12
N SER C 9 2.46 -1.59 9.14
CA SER C 9 3.87 -1.93 9.28
C SER C 9 4.09 -3.47 9.47
N ALA C 10 3.18 -4.15 10.16
CA ALA C 10 3.29 -5.59 10.31
C ALA C 10 2.93 -6.33 9.00
N LYS C 11 1.94 -5.81 8.30
CA LYS C 11 1.47 -6.45 7.08
C LYS C 11 2.56 -6.38 6.06
N ASN C 12 3.18 -5.20 5.94
CA ASN C 12 4.25 -4.97 5.04
C ASN C 12 5.47 -5.83 5.38
N ALA C 13 5.83 -5.96 6.65
CA ALA C 13 6.89 -6.84 7.06
C ALA C 13 6.65 -8.29 6.61
N LEU C 14 5.43 -8.77 6.77
CA LEU C 14 5.09 -10.10 6.34
C LEU C 14 5.19 -10.22 4.82
N GLU C 15 4.62 -9.28 4.10
CA GLU C 15 4.59 -9.40 2.67
C GLU C 15 6.01 -9.35 2.10
N SER C 16 6.77 -8.35 2.50
CA SER C 16 8.17 -8.20 2.18
C SER C 16 8.98 -9.46 2.42
N TYR C 17 8.86 -10.02 3.62
CA TYR C 17 9.60 -11.18 3.96
C TYR C 17 9.22 -12.32 3.02
N ALA C 18 7.95 -12.56 2.84
CA ALA C 18 7.55 -13.70 2.04
C ALA C 18 8.15 -13.58 0.65
N PHE C 19 7.91 -12.44 0.01
CA PHE C 19 8.36 -12.35 -1.38
C PHE C 19 9.88 -12.30 -1.46
N ASN C 20 10.55 -11.65 -0.53
CA ASN C 20 12.03 -11.52 -0.63
C ASN C 20 12.68 -12.85 -0.27
N LYS C 22 11.12 -15.72 -1.15
CA LYS C 22 10.89 -16.56 -2.34
C LYS C 22 12.01 -16.37 -3.31
N SER C 23 12.39 -15.10 -3.46
CA SER C 23 13.35 -14.71 -4.48
C SER C 23 14.75 -15.17 -4.05
N ALA C 24 15.12 -14.86 -2.80
CA ALA C 24 16.42 -15.24 -2.22
C ALA C 24 16.75 -16.73 -2.33
N VAL C 25 15.71 -17.56 -2.25
CA VAL C 25 15.90 -18.99 -2.21
C VAL C 25 16.28 -19.59 -3.58
N GLU C 26 16.68 -18.73 -4.53
CA GLU C 26 17.23 -19.14 -5.83
C GLU C 26 18.52 -18.38 -6.17
N LYS C 33 24.42 -25.31 -3.08
CA LYS C 33 24.28 -24.35 -1.97
C LYS C 33 23.29 -24.81 -0.90
N ILE C 34 22.07 -25.13 -1.33
CA ILE C 34 20.98 -25.56 -0.45
C ILE C 34 20.22 -26.74 -1.11
N SER C 35 19.89 -27.75 -0.32
CA SER C 35 19.07 -28.89 -0.78
C SER C 35 17.91 -28.47 -1.68
N GLU C 36 17.55 -29.33 -2.62
CA GLU C 36 16.37 -29.07 -3.43
C GLU C 36 15.07 -29.30 -2.64
N ALA C 37 15.10 -30.14 -1.62
CA ALA C 37 13.90 -30.35 -0.81
C ALA C 37 13.67 -29.14 0.15
N ASP C 38 14.75 -28.47 0.52
CA ASP C 38 14.68 -27.34 1.42
C ASP C 38 14.15 -26.12 0.68
N LYS C 39 14.70 -25.87 -0.51
CA LYS C 39 14.13 -24.90 -1.46
C LYS C 39 12.63 -25.09 -1.65
N LYS C 40 12.16 -26.33 -1.72
CA LYS C 40 10.74 -26.58 -1.97
C LYS C 40 9.93 -26.25 -0.72
N LYS C 41 10.49 -26.56 0.44
CA LYS C 41 9.78 -26.31 1.66
C LYS C 41 9.59 -24.79 1.85
N VAL C 42 10.64 -24.00 1.63
CA VAL C 42 10.55 -22.53 1.75
C VAL C 42 9.51 -21.99 0.77
N LEU C 43 9.57 -22.46 -0.46
CA LEU C 43 8.71 -21.95 -1.51
C LEU C 43 7.24 -22.26 -1.21
N ASP C 44 6.96 -23.49 -0.81
CA ASP C 44 5.59 -23.89 -0.50
C ASP C 44 5.06 -23.09 0.72
N LYS C 45 5.87 -22.94 1.75
CA LYS C 45 5.43 -22.17 2.90
C LYS C 45 5.23 -20.66 2.56
N CYS C 46 6.16 -20.08 1.81
CA CYS C 46 6.00 -18.72 1.33
C CYS C 46 4.71 -18.57 0.55
N GLN C 47 4.38 -19.52 -0.30
CA GLN C 47 3.15 -19.40 -1.08
C GLN C 47 1.91 -19.55 -0.20
N GLU C 48 1.98 -20.45 0.80
CA GLU C 48 0.85 -20.62 1.70
C GLU C 48 0.59 -19.30 2.46
N VAL C 49 1.64 -18.65 2.94
CA VAL C 49 1.46 -17.39 3.66
C VAL C 49 0.94 -16.24 2.74
N ILE C 50 1.41 -16.24 1.52
CA ILE C 50 0.99 -15.22 0.56
C ILE C 50 -0.48 -15.42 0.26
N SER C 51 -0.85 -16.67 0.15
CA SER C 51 -2.23 -17.00 -0.07
C SER C 51 -3.07 -16.65 1.14
N TRP C 52 -2.55 -16.87 2.35
CA TRP C 52 -3.24 -16.41 3.57
C TRP C 52 -3.40 -14.86 3.55
N LEU C 53 -2.30 -14.18 3.25
CA LEU C 53 -2.28 -12.74 3.19
C LEU C 53 -3.32 -12.17 2.22
N ASP C 54 -3.49 -12.79 1.05
CA ASP C 54 -4.45 -12.35 0.02
C ASP C 54 -5.88 -12.38 0.56
N ALA C 55 -6.19 -13.41 1.32
CA ALA C 55 -7.52 -13.49 1.94
C ALA C 55 -7.61 -12.65 3.24
N ASN C 56 -6.55 -12.00 3.71
CA ASN C 56 -6.64 -11.34 5.01
C ASN C 56 -5.96 -9.98 5.03
N THR C 57 -6.25 -9.18 4.02
CA THR C 57 -5.57 -7.92 3.88
C THR C 57 -5.93 -6.86 4.95
N LEU C 58 -7.12 -6.99 5.55
CA LEU C 58 -7.59 -6.16 6.63
C LEU C 58 -7.53 -6.87 8.02
N ALA C 59 -6.75 -7.92 8.14
CA ALA C 59 -6.52 -8.51 9.46
C ALA C 59 -5.80 -7.55 10.43
N GLU C 60 -5.74 -7.95 11.69
CA GLU C 60 -5.10 -7.16 12.74
C GLU C 60 -3.60 -7.39 12.80
N LYS C 61 -2.92 -6.42 13.37
CA LYS C 61 -1.53 -6.51 13.56
C LYS C 61 -1.08 -7.85 14.11
N ASP C 62 -1.72 -8.36 15.18
CA ASP C 62 -1.21 -9.61 15.81
CA ASP C 62 -1.26 -9.62 15.82
C ASP C 62 -1.27 -10.79 14.84
N GLU C 63 -2.22 -10.80 13.94
CA GLU C 63 -2.32 -11.90 12.99
C GLU C 63 -1.15 -11.90 12.01
N PHE C 64 -0.73 -10.72 11.57
CA PHE C 64 0.35 -10.66 10.61
C PHE C 64 1.64 -11.07 11.28
N GLU C 65 1.78 -10.72 12.54
CA GLU C 65 2.99 -11.06 13.26
C GLU C 65 3.11 -12.53 13.53
N HIS C 66 1.99 -13.12 13.97
CA HIS C 66 1.91 -14.56 14.16
C HIS C 66 2.28 -15.33 12.88
N LYS C 67 1.73 -14.90 11.76
CA LYS C 67 2.04 -15.51 10.49
C LYS C 67 3.47 -15.29 10.12
N ARG C 68 4.01 -14.12 10.43
CA ARG C 68 5.43 -13.93 10.19
C ARG C 68 6.28 -14.90 11.03
N LYS C 69 5.96 -15.05 12.31
CA LYS C 69 6.72 -15.97 13.18
C LYS C 69 6.66 -17.38 12.65
N GLU C 70 5.51 -17.76 12.18
CA GLU C 70 5.23 -19.08 11.69
C GLU C 70 6.08 -19.35 10.43
N LEU C 71 6.18 -18.37 9.54
CA LEU C 71 6.94 -18.52 8.33
C LEU C 71 8.44 -18.47 8.57
N GLU C 72 8.89 -17.47 9.33
CA GLU C 72 10.31 -17.34 9.64
C GLU C 72 10.94 -18.56 10.35
N GLN C 73 10.16 -19.28 11.14
CA GLN C 73 10.64 -20.43 11.85
C GLN C 73 11.15 -21.51 10.91
N VAL C 74 10.51 -21.63 9.77
CA VAL C 74 10.86 -22.59 8.75
C VAL C 74 11.95 -22.01 7.85
N CYS C 75 11.69 -20.84 7.29
CA CYS C 75 12.63 -20.30 6.33
C CYS C 75 13.98 -19.86 6.87
N ASN C 76 14.03 -19.21 8.03
CA ASN C 76 15.31 -18.64 8.45
C ASN C 76 16.49 -19.64 8.58
N PRO C 77 16.27 -20.81 9.19
CA PRO C 77 17.31 -21.82 9.27
C PRO C 77 17.84 -22.30 7.91
N ILE C 78 16.92 -22.46 6.96
CA ILE C 78 17.26 -22.99 5.66
C ILE C 78 18.04 -21.96 4.86
N ILE C 79 17.56 -20.73 4.85
CA ILE C 79 18.24 -19.74 4.05
C ILE C 79 19.56 -19.40 4.65
N SER C 80 19.70 -19.47 5.96
CA SER C 80 20.87 -18.89 6.63
C SER C 80 22.02 -19.83 6.76
N GLY C 81 21.74 -21.12 6.80
CA GLY C 81 22.77 -22.07 7.18
C GLY C 81 23.32 -21.96 8.61
N LEU C 82 22.61 -21.31 9.50
CA LEU C 82 23.09 -21.14 10.90
C LEU C 82 23.25 -22.43 11.69
N TYR C 83 22.53 -23.47 11.32
CA TYR C 83 22.68 -24.75 12.02
C TYR C 83 23.97 -25.47 11.70
N GLN C 84 24.72 -25.00 10.72
CA GLN C 84 25.80 -25.82 10.14
C GLN C 84 27.08 -25.37 10.65
N GLY C 85 27.97 -26.32 10.83
CA GLY C 85 29.40 -26.04 10.98
C GLY C 85 30.06 -26.78 12.11
N ALA C 86 29.33 -26.99 13.20
CA ALA C 86 29.96 -27.57 14.38
C ALA C 86 30.25 -29.05 14.21
N GLY C 87 29.54 -29.75 13.34
CA GLY C 87 29.79 -31.21 13.19
C GLY C 87 30.68 -31.64 12.02
N ASN D 2 18.74 -43.51 15.10
CA ASN D 2 19.96 -43.64 15.95
C ASN D 2 19.86 -42.58 17.01
N ALA D 3 19.56 -42.94 18.26
CA ALA D 3 19.46 -41.93 19.32
C ALA D 3 20.76 -41.16 19.53
N ALA D 4 21.90 -41.81 19.47
CA ALA D 4 23.15 -41.10 19.75
C ALA D 4 23.40 -40.03 18.70
N ALA D 5 23.17 -40.41 17.46
CA ALA D 5 23.45 -39.54 16.32
C ALA D 5 22.51 -38.34 16.35
N GLU D 6 21.25 -38.59 16.65
CA GLU D 6 20.25 -37.54 16.75
C GLU D 6 20.58 -36.53 17.85
N ARG D 7 21.11 -37.01 18.97
CA ARG D 7 21.45 -36.14 20.08
C ARG D 7 22.57 -35.18 19.64
N VAL D 8 23.59 -35.75 19.02
CA VAL D 8 24.73 -35.02 18.55
C VAL D 8 24.36 -34.05 17.48
N SER D 9 23.43 -34.40 16.65
CA SER D 9 23.05 -33.54 15.59
C SER D 9 22.33 -32.34 16.17
N ALA D 10 21.51 -32.56 17.21
CA ALA D 10 20.78 -31.47 17.88
C ALA D 10 21.76 -30.52 18.61
N LYS D 11 22.73 -31.14 19.29
CA LYS D 11 23.82 -30.41 19.97
C LYS D 11 24.62 -29.54 19.01
N ASN D 12 24.98 -30.11 17.88
CA ASN D 12 25.76 -29.40 16.90
C ASN D 12 24.96 -28.24 16.29
N ALA D 13 23.66 -28.44 16.11
CA ALA D 13 22.83 -27.42 15.51
C ALA D 13 22.81 -26.24 16.51
N LEU D 14 22.66 -26.52 17.80
CA LEU D 14 22.64 -25.47 18.80
C LEU D 14 23.97 -24.72 18.87
N GLU D 15 25.07 -25.45 18.89
CA GLU D 15 26.37 -24.85 19.01
C GLU D 15 26.66 -23.98 17.77
N SER D 16 26.32 -24.49 16.59
CA SER D 16 26.59 -23.80 15.34
C SER D 16 25.84 -22.47 15.30
N TYR D 17 24.60 -22.50 15.72
CA TYR D 17 23.75 -21.30 15.74
C TYR D 17 24.31 -20.24 16.67
N ALA D 18 24.63 -20.60 17.91
CA ALA D 18 25.23 -19.63 18.81
C ALA D 18 26.48 -19.02 18.24
N PHE D 19 27.44 -19.81 17.78
CA PHE D 19 28.69 -19.24 17.29
C PHE D 19 28.54 -18.50 15.96
N ASN D 20 27.64 -18.98 15.09
CA ASN D 20 27.49 -18.32 13.80
C ASN D 20 26.76 -16.99 13.93
N LYS D 22 26.55 -15.13 16.73
CA LYS D 22 27.46 -14.24 17.40
C LYS D 22 28.43 -13.57 16.42
N SER D 23 29.08 -14.38 15.59
CA SER D 23 29.97 -13.86 14.55
C SER D 23 29.24 -13.00 13.53
N ALA D 24 28.01 -13.34 13.21
CA ALA D 24 27.31 -12.55 12.21
C ALA D 24 26.99 -11.14 12.70
N VAL D 25 26.72 -10.99 14.00
CA VAL D 25 26.39 -9.67 14.49
C VAL D 25 27.65 -8.85 14.83
N GLU D 26 28.82 -9.46 14.90
CA GLU D 26 30.05 -8.68 15.12
C GLU D 26 30.62 -8.29 13.76
N GLY D 32 26.74 -3.66 10.79
CA GLY D 32 26.22 -2.32 11.05
C GLY D 32 24.81 -2.14 10.50
N LYS D 33 24.07 -3.26 10.46
CA LYS D 33 22.74 -3.35 9.80
C LYS D 33 21.58 -3.38 10.81
N ILE D 34 21.89 -3.66 12.06
CA ILE D 34 20.84 -3.89 13.03
C ILE D 34 21.05 -2.93 14.17
N SER D 35 19.97 -2.69 14.88
CA SER D 35 19.97 -1.85 16.07
C SER D 35 21.04 -2.25 17.11
N GLU D 36 21.51 -1.31 17.93
CA GLU D 36 22.47 -1.63 19.00
C GLU D 36 21.80 -2.34 20.19
N ALA D 37 20.50 -2.17 20.32
CA ALA D 37 19.77 -2.86 21.37
C ALA D 37 19.54 -4.31 20.90
N ASP D 38 19.26 -4.48 19.62
CA ASP D 38 19.05 -5.81 19.04
C ASP D 38 20.32 -6.67 19.07
N LYS D 39 21.44 -6.04 18.75
CA LYS D 39 22.72 -6.70 18.75
C LYS D 39 23.05 -7.18 20.14
N LYS D 40 22.74 -6.38 21.13
CA LYS D 40 22.96 -6.73 22.52
C LYS D 40 22.11 -7.93 22.99
N LYS D 41 20.87 -8.00 22.51
CA LYS D 41 19.97 -9.10 22.83
C LYS D 41 20.56 -10.41 22.29
N VAL D 42 21.01 -10.35 21.04
CA VAL D 42 21.58 -11.49 20.37
C VAL D 42 22.87 -11.97 21.11
N LEU D 43 23.78 -11.07 21.34
CA LEU D 43 25.00 -11.43 22.03
C LEU D 43 24.76 -12.04 23.39
N ASP D 44 23.81 -11.46 24.14
CA ASP D 44 23.56 -11.89 25.50
C ASP D 44 23.05 -13.34 25.43
N LYS D 45 22.12 -13.60 24.52
CA LYS D 45 21.52 -14.89 24.45
C LYS D 45 22.51 -15.91 23.83
N CYS D 46 23.27 -15.51 22.82
CA CYS D 46 24.37 -16.37 22.37
C CYS D 46 25.28 -16.79 23.52
N GLN D 47 25.68 -15.84 24.33
CA GLN D 47 26.62 -16.12 25.41
C GLN D 47 26.02 -17.04 26.48
N GLU D 48 24.77 -16.78 26.85
CA GLU D 48 24.03 -17.59 27.82
C GLU D 48 23.97 -19.05 27.34
N VAL D 49 23.69 -19.21 26.07
CA VAL D 49 23.59 -20.51 25.45
C VAL D 49 24.94 -21.20 25.38
N ILE D 50 25.97 -20.48 25.03
CA ILE D 50 27.28 -21.05 25.02
C ILE D 50 27.64 -21.52 26.44
N SER D 51 27.24 -20.73 27.44
CA SER D 51 27.58 -21.09 28.83
C SER D 51 26.72 -22.27 29.30
N TRP D 52 25.46 -22.34 28.89
CA TRP D 52 24.59 -23.48 29.18
C TRP D 52 25.17 -24.75 28.51
N LEU D 53 25.70 -24.58 27.31
CA LEU D 53 26.22 -25.71 26.56
C LEU D 53 27.47 -26.27 27.18
N ASP D 54 28.30 -25.40 27.63
CA ASP D 54 29.47 -25.84 28.39
C ASP D 54 29.15 -26.63 29.67
N ALA D 55 28.02 -26.37 30.29
CA ALA D 55 27.62 -27.14 31.48
C ALA D 55 26.67 -28.33 31.17
N ASN D 56 26.14 -28.45 29.96
CA ASN D 56 25.22 -29.55 29.65
C ASN D 56 25.63 -30.32 28.42
N THR D 57 26.91 -30.58 28.31
CA THR D 57 27.38 -31.17 27.10
C THR D 57 26.87 -32.61 26.91
N LEU D 58 26.47 -33.27 28.00
CA LEU D 58 25.86 -34.58 27.92
C LEU D 58 24.36 -34.60 28.12
N ALA D 59 23.70 -33.53 27.73
CA ALA D 59 22.28 -33.38 27.95
C ALA D 59 21.58 -34.23 26.91
N GLU D 60 20.27 -34.38 27.07
CA GLU D 60 19.44 -35.11 26.13
C GLU D 60 19.06 -34.25 24.89
N LYS D 61 18.67 -34.94 23.82
CA LYS D 61 18.28 -34.31 22.57
C LYS D 61 17.24 -33.19 22.76
N ASP D 62 16.17 -33.51 23.50
CA ASP D 62 15.08 -32.55 23.71
CA ASP D 62 15.06 -32.56 23.71
C ASP D 62 15.55 -31.29 24.39
N GLU D 63 16.56 -31.41 25.24
CA GLU D 63 17.07 -30.20 25.92
C GLU D 63 17.82 -29.32 24.91
N PHE D 64 18.59 -29.93 24.02
CA PHE D 64 19.33 -29.11 23.04
C PHE D 64 18.34 -28.45 22.12
N GLU D 65 17.25 -29.14 21.85
CA GLU D 65 16.24 -28.59 20.94
C GLU D 65 15.54 -27.41 21.56
N HIS D 66 15.16 -27.59 22.81
CA HIS D 66 14.48 -26.54 23.52
C HIS D 66 15.35 -25.29 23.63
N LYS D 67 16.62 -25.51 23.91
CA LYS D 67 17.48 -24.42 24.13
C LYS D 67 17.63 -23.76 22.81
N ARG D 68 17.69 -24.53 21.75
CA ARG D 68 17.81 -23.87 20.47
C ARG D 68 16.58 -23.02 20.13
N LYS D 69 15.40 -23.51 20.45
CA LYS D 69 14.25 -22.72 20.22
C LYS D 69 14.36 -21.40 20.99
N GLU D 70 14.87 -21.42 22.23
CA GLU D 70 14.94 -20.18 22.97
C GLU D 70 15.82 -19.19 22.19
N LEU D 71 16.94 -19.66 21.64
CA LEU D 71 17.86 -18.80 20.91
C LEU D 71 17.19 -18.24 19.64
N GLU D 72 16.43 -19.09 18.98
CA GLU D 72 15.77 -18.69 17.74
C GLU D 72 14.68 -17.71 18.02
N GLN D 73 14.04 -17.80 19.18
CA GLN D 73 12.98 -16.82 19.45
C GLN D 73 13.55 -15.41 19.48
N VAL D 74 14.76 -15.29 20.00
CA VAL D 74 15.38 -14.03 20.08
C VAL D 74 15.91 -13.69 18.71
N CYS D 75 16.64 -14.58 18.04
CA CYS D 75 17.34 -14.16 16.81
C CYS D 75 16.45 -14.07 15.55
N ASN D 76 15.36 -14.82 15.49
CA ASN D 76 14.51 -14.85 14.27
C ASN D 76 13.94 -13.49 13.84
N PRO D 77 13.46 -12.69 14.76
CA PRO D 77 12.90 -11.43 14.25
C PRO D 77 13.98 -10.57 13.66
N ILE D 78 15.18 -10.65 14.23
CA ILE D 78 16.36 -9.91 13.73
C ILE D 78 16.79 -10.39 12.33
N ILE D 79 16.96 -11.68 12.17
CA ILE D 79 17.30 -12.20 10.86
C ILE D 79 16.21 -11.82 9.87
N SER D 80 14.95 -11.97 10.23
CA SER D 80 13.88 -11.58 9.32
C SER D 80 13.93 -10.11 8.86
N GLY D 81 14.46 -9.24 9.72
CA GLY D 81 14.52 -7.83 9.40
C GLY D 81 15.39 -7.57 8.19
N LEU D 82 16.39 -8.43 8.00
CA LEU D 82 17.29 -8.28 6.86
C LEU D 82 16.64 -8.63 5.56
N TYR D 83 15.70 -9.56 5.58
CA TYR D 83 15.03 -9.97 4.35
C TYR D 83 13.83 -9.12 4.03
N GLN D 84 13.37 -8.35 5.02
CA GLN D 84 12.36 -7.34 4.76
C GLN D 84 12.93 -6.15 3.98
N GLY D 85 14.26 -6.03 3.94
CA GLY D 85 14.97 -5.10 3.00
C GLY D 85 16.02 -5.88 2.19
N ASN E 2 15.68 -5.46 -4.96
CA ASN E 2 14.65 -5.83 -3.92
C ASN E 2 13.32 -6.36 -4.48
N ALA E 3 13.09 -7.66 -4.38
CA ALA E 3 11.96 -8.31 -5.03
C ALA E 3 10.59 -7.84 -4.56
N ALA E 4 10.41 -7.63 -3.26
CA ALA E 4 9.10 -7.18 -2.77
C ALA E 4 8.74 -5.77 -3.22
N ALA E 5 9.74 -4.91 -3.25
CA ALA E 5 9.58 -3.53 -3.63
C ALA E 5 9.28 -3.41 -5.11
N GLU E 6 10.00 -4.19 -5.93
CA GLU E 6 9.76 -4.20 -7.39
C GLU E 6 8.37 -4.71 -7.71
N ARG E 7 7.87 -5.65 -6.93
CA ARG E 7 6.52 -6.13 -7.18
C ARG E 7 5.53 -5.05 -6.82
N VAL E 8 5.68 -4.42 -5.67
CA VAL E 8 4.73 -3.39 -5.28
C VAL E 8 4.78 -2.25 -6.27
N SER E 9 5.99 -1.94 -6.74
CA SER E 9 6.16 -0.87 -7.68
C SER E 9 5.40 -1.14 -8.97
N ALA E 10 5.45 -2.38 -9.49
CA ALA E 10 4.72 -2.72 -10.71
C ALA E 10 3.20 -2.71 -10.45
N LYS E 11 2.83 -3.08 -9.26
CA LYS E 11 1.41 -3.07 -8.95
C LYS E 11 0.95 -1.63 -8.97
N ASN E 12 1.71 -0.74 -8.35
CA ASN E 12 1.25 0.62 -8.26
C ASN E 12 1.23 1.33 -9.60
N ALA E 13 2.16 0.94 -10.46
CA ALA E 13 2.28 1.49 -11.79
C ALA E 13 0.98 1.13 -12.54
N LEU E 14 0.58 -0.14 -12.43
CA LEU E 14 -0.61 -0.59 -13.17
C LEU E 14 -1.85 0.13 -12.66
N GLU E 15 -2.01 0.16 -11.36
CA GLU E 15 -3.21 0.70 -10.75
C GLU E 15 -3.31 2.19 -11.00
N SER E 16 -2.20 2.92 -10.88
CA SER E 16 -2.30 4.32 -11.00
C SER E 16 -2.53 4.67 -12.46
N TYR E 17 -1.96 3.89 -13.36
CA TYR E 17 -2.19 4.09 -14.78
C TYR E 17 -3.66 3.88 -15.09
N ALA E 18 -4.23 2.77 -14.58
CA ALA E 18 -5.65 2.49 -14.84
C ALA E 18 -6.52 3.67 -14.35
N PHE E 19 -6.33 4.13 -13.12
CA PHE E 19 -7.24 5.14 -12.58
C PHE E 19 -7.03 6.50 -13.22
N ASN E 20 -5.79 6.84 -13.54
CA ASN E 20 -5.49 8.13 -14.14
C ASN E 20 -6.01 8.17 -15.58
N LYS E 22 -8.63 6.48 -16.69
CA LYS E 22 -10.06 6.54 -16.57
C LYS E 22 -10.44 7.98 -16.35
N SER E 23 -9.63 8.67 -15.57
CA SER E 23 -9.94 10.06 -15.28
C SER E 23 -9.65 10.95 -16.51
N ALA E 24 -8.51 10.71 -17.14
CA ALA E 24 -8.03 11.52 -18.23
C ALA E 24 -9.00 11.49 -19.40
N VAL E 25 -9.55 10.30 -19.63
CA VAL E 25 -10.41 10.06 -20.73
C VAL E 25 -11.75 10.74 -20.52
N GLU E 26 -12.15 10.98 -19.27
CA GLU E 26 -13.40 11.66 -18.92
CA GLU E 26 -13.42 11.68 -19.00
C GLU E 26 -13.25 13.19 -18.89
N ASP E 27 -12.24 13.76 -19.59
CA ASP E 27 -12.03 15.23 -19.56
C ASP E 27 -12.30 15.90 -20.93
N LYS E 33 -12.65 16.12 -28.58
CA LYS E 33 -11.32 15.53 -28.82
C LYS E 33 -11.32 14.06 -29.28
N ILE E 34 -12.21 13.23 -28.71
CA ILE E 34 -12.20 11.79 -29.01
C ILE E 34 -13.60 11.19 -29.22
N SER E 35 -13.67 10.17 -30.07
CA SER E 35 -14.94 9.48 -30.32
C SER E 35 -15.59 9.00 -29.03
N GLU E 36 -16.91 8.91 -29.06
CA GLU E 36 -17.67 8.40 -27.93
C GLU E 36 -17.50 6.88 -27.79
N ALA E 37 -17.22 6.21 -28.90
CA ALA E 37 -16.88 4.79 -28.87
C ALA E 37 -15.44 4.54 -28.41
N ASP E 38 -14.56 5.54 -28.60
CA ASP E 38 -13.18 5.46 -28.12
C ASP E 38 -13.16 5.61 -26.59
N LYS E 39 -13.85 6.62 -26.08
CA LYS E 39 -14.01 6.83 -24.64
C LYS E 39 -14.44 5.54 -23.97
N LYS E 40 -15.50 4.93 -24.50
CA LYS E 40 -16.02 3.66 -23.95
C LYS E 40 -15.00 2.55 -24.03
N LYS E 41 -14.16 2.56 -25.03
CA LYS E 41 -13.21 1.48 -25.17
C LYS E 41 -12.24 1.56 -24.01
N VAL E 42 -11.73 2.76 -23.74
CA VAL E 42 -10.76 2.95 -22.70
C VAL E 42 -11.31 2.65 -21.30
N LEU E 43 -12.50 3.18 -21.02
CA LEU E 43 -13.29 2.92 -19.82
C LEU E 43 -13.55 1.43 -19.53
N ASP E 44 -13.82 0.66 -20.57
CA ASP E 44 -14.11 -0.76 -20.40
C ASP E 44 -12.84 -1.56 -20.20
N LYS E 45 -11.78 -1.16 -20.88
CA LYS E 45 -10.51 -1.83 -20.69
C LYS E 45 -9.95 -1.55 -19.27
N CYS E 46 -9.93 -0.28 -18.88
CA CYS E 46 -9.56 0.12 -17.53
C CYS E 46 -10.39 -0.66 -16.46
N GLN E 47 -11.70 -0.66 -16.64
CA GLN E 47 -12.55 -1.33 -15.70
C GLN E 47 -12.22 -2.81 -15.62
N GLU E 48 -11.91 -3.42 -16.74
CA GLU E 48 -11.60 -4.85 -16.76
C GLU E 48 -10.23 -5.13 -16.10
N VAL E 49 -9.29 -4.24 -16.28
CA VAL E 49 -8.04 -4.39 -15.61
C VAL E 49 -8.12 -4.19 -14.09
N ILE E 50 -8.91 -3.20 -13.66
CA ILE E 50 -9.11 -2.87 -12.26
C ILE E 50 -9.69 -4.08 -11.58
N SER E 51 -10.65 -4.66 -12.25
CA SER E 51 -11.29 -5.83 -11.71
C SER E 51 -10.34 -7.03 -11.63
N TRP E 52 -9.38 -7.12 -12.54
CA TRP E 52 -8.35 -8.21 -12.51
C TRP E 52 -7.45 -7.97 -11.29
N LEU E 53 -7.13 -6.69 -11.10
CA LEU E 53 -6.29 -6.26 -10.00
C LEU E 53 -6.90 -6.58 -8.68
N ASP E 54 -8.18 -6.31 -8.52
CA ASP E 54 -8.93 -6.64 -7.31
C ASP E 54 -8.87 -8.17 -6.99
N ALA E 55 -8.82 -9.01 -8.02
CA ALA E 55 -8.72 -10.47 -7.84
C ALA E 55 -7.26 -10.93 -7.71
N ASN E 56 -6.28 -10.08 -8.00
CA ASN E 56 -4.91 -10.53 -8.09
C ASN E 56 -3.94 -9.60 -7.41
N THR E 57 -4.35 -9.11 -6.25
CA THR E 57 -3.56 -8.20 -5.47
C THR E 57 -2.18 -8.75 -5.11
N LEU E 58 -2.06 -10.08 -4.98
CA LEU E 58 -0.82 -10.68 -4.53
C LEU E 58 -0.16 -11.40 -5.68
N ALA E 59 -0.32 -10.88 -6.89
CA ALA E 59 0.24 -11.51 -8.08
C ALA E 59 1.69 -11.15 -8.18
N GLU E 60 2.41 -11.84 -9.06
CA GLU E 60 3.84 -11.61 -9.28
C GLU E 60 4.09 -10.35 -10.14
N LYS E 61 5.28 -9.77 -10.02
CA LYS E 61 5.67 -8.61 -10.77
C LYS E 61 5.27 -8.65 -12.26
N ASP E 62 5.70 -9.69 -12.97
CA ASP E 62 5.46 -9.66 -14.42
C ASP E 62 4.04 -10.00 -14.86
N GLU E 63 3.19 -10.48 -13.96
CA GLU E 63 1.76 -10.52 -14.25
C GLU E 63 1.23 -9.09 -14.33
N PHE E 64 1.73 -8.21 -13.46
CA PHE E 64 1.29 -6.82 -13.46
C PHE E 64 1.84 -6.10 -14.69
N GLU E 65 3.09 -6.39 -15.01
CA GLU E 65 3.72 -5.83 -16.19
C GLU E 65 3.02 -6.27 -17.45
N HIS E 66 2.64 -7.53 -17.47
CA HIS E 66 1.92 -8.04 -18.61
C HIS E 66 0.58 -7.34 -18.73
N LYS E 67 -0.11 -7.11 -17.63
CA LYS E 67 -1.42 -6.49 -17.71
C LYS E 67 -1.33 -5.01 -18.04
N ARG E 68 -0.23 -4.36 -17.65
CA ARG E 68 -0.05 -2.98 -18.00
C ARG E 68 0.18 -2.78 -19.53
N LYS E 69 0.86 -3.73 -20.16
CA LYS E 69 1.08 -3.75 -21.63
C LYS E 69 -0.19 -3.95 -22.36
N GLU E 70 -1.01 -4.92 -21.91
CA GLU E 70 -2.36 -5.05 -22.45
C GLU E 70 -3.08 -3.73 -22.41
N LEU E 71 -3.07 -3.07 -21.24
CA LEU E 71 -3.94 -1.94 -21.07
C LEU E 71 -3.46 -0.75 -21.90
N GLU E 72 -2.15 -0.51 -21.89
CA GLU E 72 -1.60 0.67 -22.53
C GLU E 72 -1.69 0.63 -24.04
N GLN E 73 -1.80 -0.56 -24.60
CA GLN E 73 -1.72 -0.64 -26.02
C GLN E 73 -3.07 -0.28 -26.62
N VAL E 74 -4.12 -0.47 -25.85
CA VAL E 74 -5.46 0.00 -26.15
C VAL E 74 -5.59 1.51 -25.88
N CYS E 75 -4.99 1.97 -24.78
CA CYS E 75 -5.31 3.30 -24.25
C CYS E 75 -4.44 4.41 -24.76
N ASN E 76 -3.13 4.19 -24.86
CA ASN E 76 -2.24 5.27 -25.25
C ASN E 76 -2.55 5.83 -26.64
N PRO E 77 -2.86 4.95 -27.64
CA PRO E 77 -3.21 5.54 -28.91
C PRO E 77 -4.43 6.42 -28.79
N ILE E 78 -5.45 5.97 -28.07
CA ILE E 78 -6.71 6.71 -28.04
C ILE E 78 -6.52 8.07 -27.37
N ILE E 79 -5.77 8.06 -26.28
CA ILE E 79 -5.64 9.20 -25.39
C ILE E 79 -4.63 10.19 -25.93
N SER E 80 -3.59 9.71 -26.60
CA SER E 80 -2.58 10.60 -27.16
C SER E 80 -2.97 11.24 -28.52
N GLY E 81 -3.84 10.60 -29.28
CA GLY E 81 -4.10 11.03 -30.68
C GLY E 81 -2.87 10.94 -31.61
N LEU E 82 -1.96 10.03 -31.30
CA LEU E 82 -0.72 9.93 -32.05
C LEU E 82 -0.96 9.40 -33.47
N TYR E 83 -2.01 8.66 -33.69
CA TYR E 83 -2.33 8.11 -35.01
C TYR E 83 -2.86 9.14 -35.99
N GLN E 84 -3.03 10.38 -35.55
CA GLN E 84 -3.73 11.35 -36.37
C GLN E 84 -2.82 12.38 -36.93
N GLY E 85 -3.25 12.95 -38.04
CA GLY E 85 -2.60 14.08 -38.63
C GLY E 85 -2.23 13.88 -40.06
N ALA E 86 -1.74 12.70 -40.44
CA ALA E 86 -1.25 12.50 -41.82
C ALA E 86 -2.35 12.41 -42.87
N GLY E 87 -3.59 12.14 -42.47
CA GLY E 87 -4.74 12.13 -43.42
C GLY E 87 -5.48 13.46 -43.60
N GLY E 88 -5.86 13.80 -44.83
CA GLY E 88 -6.68 15.00 -45.08
C GLY E 88 -6.74 15.38 -46.53
N ASN F 2 -13.97 -1.08 -47.11
CA ASN F 2 -13.22 -0.79 -48.34
C ASN F 2 -11.69 -1.00 -48.20
N ALA F 3 -11.12 -1.87 -49.01
CA ALA F 3 -9.70 -2.24 -48.89
C ALA F 3 -8.72 -1.06 -49.11
N ALA F 4 -9.02 -0.25 -50.13
CA ALA F 4 -8.18 0.91 -50.42
C ALA F 4 -8.22 1.88 -49.24
N ALA F 5 -9.40 2.12 -48.69
CA ALA F 5 -9.49 2.97 -47.50
C ALA F 5 -8.75 2.37 -46.31
N GLU F 6 -8.91 1.08 -46.02
CA GLU F 6 -8.20 0.50 -44.86
C GLU F 6 -6.70 0.55 -45.02
N ARG F 7 -6.21 0.39 -46.24
CA ARG F 7 -4.76 0.42 -46.45
C ARG F 7 -4.26 1.81 -46.13
N VAL F 8 -4.96 2.84 -46.64
CA VAL F 8 -4.46 4.20 -46.47
C VAL F 8 -4.57 4.62 -45.00
N SER F 9 -5.58 4.10 -44.35
CA SER F 9 -5.80 4.42 -42.98
C SER F 9 -4.67 3.87 -42.12
N ALA F 10 -4.27 2.64 -42.40
CA ALA F 10 -3.12 2.06 -41.71
C ALA F 10 -1.81 2.81 -42.04
N LYS F 11 -1.64 3.22 -43.29
CA LYS F 11 -0.42 3.95 -43.63
C LYS F 11 -0.37 5.28 -42.92
N ASN F 12 -1.48 6.01 -42.96
CA ASN F 12 -1.58 7.25 -42.26
C ASN F 12 -1.35 7.16 -40.75
N ALA F 13 -1.81 6.10 -40.12
CA ALA F 13 -1.60 5.96 -38.67
C ALA F 13 -0.13 5.72 -38.37
N LEU F 14 0.56 4.96 -39.21
CA LEU F 14 1.99 4.71 -39.00
C LEU F 14 2.77 6.00 -39.20
N GLU F 15 2.49 6.68 -40.29
CA GLU F 15 3.19 7.91 -40.57
C GLU F 15 2.97 8.92 -39.45
N SER F 16 1.71 9.10 -39.06
CA SER F 16 1.33 10.04 -38.01
C SER F 16 2.14 9.72 -36.75
N TYR F 17 2.18 8.44 -36.43
CA TYR F 17 2.75 8.07 -35.18
C TYR F 17 4.23 8.43 -35.18
N ALA F 18 4.94 8.06 -36.23
CA ALA F 18 6.38 8.34 -36.31
C ALA F 18 6.68 9.83 -36.25
N PHE F 19 5.99 10.64 -37.03
CA PHE F 19 6.33 12.05 -37.03
C PHE F 19 5.91 12.74 -35.73
N ASN F 20 4.75 12.36 -35.19
CA ASN F 20 4.26 12.92 -33.93
C ASN F 20 5.22 12.60 -32.74
N LYS F 22 8.51 11.77 -33.04
CA LYS F 22 9.71 12.57 -33.29
C LYS F 22 9.53 13.96 -32.71
N SER F 23 8.40 14.58 -32.96
CA SER F 23 8.14 15.89 -32.47
C SER F 23 7.97 15.98 -30.96
N ALA F 24 7.38 14.96 -30.35
CA ALA F 24 7.08 14.99 -28.92
C ALA F 24 8.36 14.87 -28.14
N VAL F 25 9.21 13.96 -28.58
CA VAL F 25 10.57 13.84 -28.07
C VAL F 25 11.41 15.15 -28.08
N GLU F 26 11.46 15.87 -29.20
CA GLU F 26 12.31 17.06 -29.31
C GLU F 26 11.55 18.31 -28.85
N ASP F 27 10.81 18.23 -27.75
CA ASP F 27 9.85 19.29 -27.39
C ASP F 27 10.03 19.84 -25.97
N LYS F 33 11.18 16.33 -20.92
CA LYS F 33 12.28 15.69 -20.22
C LYS F 33 11.96 14.27 -19.73
N ILE F 34 12.17 13.31 -20.63
CA ILE F 34 12.36 11.89 -20.34
C ILE F 34 13.87 11.63 -20.48
N SER F 35 14.30 10.39 -20.25
CA SER F 35 15.73 10.01 -20.38
C SER F 35 16.41 10.49 -21.67
N GLU F 36 17.72 10.65 -21.63
CA GLU F 36 18.50 10.99 -22.83
C GLU F 36 18.84 9.74 -23.66
N ALA F 37 18.76 8.56 -23.06
CA ALA F 37 18.97 7.32 -23.80
C ALA F 37 17.69 6.95 -24.53
N ASP F 38 16.56 7.14 -23.84
CA ASP F 38 15.25 6.93 -24.42
C ASP F 38 15.03 7.80 -25.68
N LYS F 39 15.42 9.06 -25.63
CA LYS F 39 15.29 9.91 -26.80
C LYS F 39 15.88 9.23 -28.02
N LYS F 40 17.11 8.77 -27.93
CA LYS F 40 17.77 8.13 -29.08
C LYS F 40 17.11 6.80 -29.46
N LYS F 41 16.53 6.12 -28.50
CA LYS F 41 15.75 4.94 -28.83
C LYS F 41 14.60 5.37 -29.76
N VAL F 42 13.67 6.15 -29.22
CA VAL F 42 12.55 6.65 -29.95
C VAL F 42 12.94 7.29 -31.27
N LEU F 43 13.93 8.17 -31.27
CA LEU F 43 14.40 8.76 -32.52
C LEU F 43 14.90 7.74 -33.54
N ASP F 44 15.64 6.74 -33.11
CA ASP F 44 16.17 5.76 -34.03
C ASP F 44 15.07 4.85 -34.58
N LYS F 45 14.10 4.48 -33.75
CA LYS F 45 13.01 3.66 -34.24
C LYS F 45 12.12 4.42 -35.22
N CYS F 46 11.87 5.69 -34.91
CA CYS F 46 11.11 6.57 -35.76
C CYS F 46 11.74 6.71 -37.13
N GLN F 47 13.04 6.94 -37.21
CA GLN F 47 13.62 7.15 -38.51
C GLN F 47 13.74 5.85 -39.27
N GLU F 48 13.85 4.72 -38.57
CA GLU F 48 13.82 3.43 -39.22
C GLU F 48 12.49 3.23 -39.91
N VAL F 49 11.42 3.47 -39.18
CA VAL F 49 10.09 3.35 -39.74
C VAL F 49 9.90 4.37 -40.88
N ILE F 50 10.32 5.61 -40.69
CA ILE F 50 10.14 6.59 -41.75
C ILE F 50 10.89 6.17 -43.03
N SER F 51 12.06 5.61 -42.84
CA SER F 51 12.87 5.17 -43.95
C SER F 51 12.20 3.97 -44.62
N TRP F 52 11.74 3.01 -43.84
CA TRP F 52 10.95 1.89 -44.35
C TRP F 52 9.71 2.34 -45.13
N LEU F 53 9.02 3.34 -44.60
CA LEU F 53 7.82 3.81 -45.26
C LEU F 53 8.12 4.42 -46.64
N ASP F 54 9.21 5.17 -46.74
CA ASP F 54 9.60 5.74 -48.03
C ASP F 54 9.86 4.68 -49.11
N ALA F 55 10.43 3.56 -48.69
CA ALA F 55 10.62 2.44 -49.57
C ALA F 55 9.35 1.59 -49.74
N ASN F 56 8.31 1.82 -48.97
CA ASN F 56 7.18 0.92 -49.04
C ASN F 56 5.83 1.62 -49.04
N THR F 57 5.73 2.72 -49.74
CA THR F 57 4.53 3.48 -49.85
C THR F 57 3.37 2.71 -50.39
N LEU F 58 3.63 1.73 -51.23
CA LEU F 58 2.53 0.98 -51.81
C LEU F 58 2.39 -0.38 -51.15
N ALA F 59 2.86 -0.50 -49.91
CA ALA F 59 2.72 -1.79 -49.20
C ALA F 59 1.26 -2.10 -48.81
N GLU F 60 1.03 -3.36 -48.45
CA GLU F 60 -0.26 -3.85 -47.98
C GLU F 60 -0.56 -3.41 -46.58
N LYS F 61 -1.83 -3.45 -46.24
CA LYS F 61 -2.29 -2.99 -44.94
C LYS F 61 -1.57 -3.64 -43.78
N ASP F 62 -1.41 -4.95 -43.84
CA ASP F 62 -0.79 -5.68 -42.74
C ASP F 62 0.63 -5.24 -42.50
N GLU F 63 1.34 -4.90 -43.57
CA GLU F 63 2.69 -4.53 -43.42
C GLU F 63 2.70 -3.21 -42.64
N PHE F 64 1.78 -2.29 -42.94
CA PHE F 64 1.76 -1.05 -42.18
C PHE F 64 1.43 -1.27 -40.69
N GLU F 65 0.50 -2.17 -40.38
CA GLU F 65 0.13 -2.47 -39.01
C GLU F 65 1.26 -3.15 -38.22
N HIS F 66 1.93 -4.13 -38.83
CA HIS F 66 3.10 -4.72 -38.17
C HIS F 66 4.16 -3.67 -37.85
N LYS F 67 4.46 -2.80 -38.80
CA LYS F 67 5.49 -1.82 -38.57
C LYS F 67 5.09 -0.90 -37.45
N ARG F 68 3.82 -0.50 -37.45
CA ARG F 68 3.29 0.36 -36.43
C ARG F 68 3.45 -0.27 -35.05
N LYS F 69 3.05 -1.52 -34.96
CA LYS F 69 3.13 -2.24 -33.73
C LYS F 69 4.58 -2.34 -33.24
N GLU F 70 5.54 -2.39 -34.15
CA GLU F 70 6.93 -2.42 -33.70
C GLU F 70 7.23 -1.08 -33.05
N LEU F 71 6.87 0.02 -33.71
CA LEU F 71 7.14 1.34 -33.17
C LEU F 71 6.44 1.52 -31.80
N GLU F 72 5.19 1.06 -31.67
CA GLU F 72 4.44 1.13 -30.42
C GLU F 72 5.16 0.42 -29.28
N GLN F 73 5.76 -0.71 -29.58
CA GLN F 73 6.50 -1.51 -28.62
C GLN F 73 7.58 -0.68 -27.96
N VAL F 74 8.26 0.14 -28.77
CA VAL F 74 9.28 1.01 -28.24
C VAL F 74 8.66 2.21 -27.50
N CYS F 75 7.61 2.79 -28.07
CA CYS F 75 7.09 4.04 -27.52
C CYS F 75 6.11 3.90 -26.36
N ASN F 76 5.35 2.83 -26.30
CA ASN F 76 4.31 2.75 -25.28
C ASN F 76 4.79 2.93 -23.84
N PRO F 77 6.01 2.44 -23.52
CA PRO F 77 6.40 2.55 -22.12
C PRO F 77 6.78 3.98 -21.73
N ILE F 78 7.38 4.71 -22.65
CA ILE F 78 7.67 6.13 -22.45
C ILE F 78 6.39 6.91 -22.21
N ILE F 79 5.43 6.70 -23.09
CA ILE F 79 4.15 7.37 -22.97
C ILE F 79 3.45 6.98 -21.70
N SER F 80 3.50 5.72 -21.36
CA SER F 80 2.78 5.24 -20.20
C SER F 80 3.30 5.86 -18.88
N GLY F 81 4.60 6.16 -18.82
CA GLY F 81 5.18 6.81 -17.64
C GLY F 81 4.48 8.12 -17.27
N LEU F 82 3.86 8.75 -18.27
CA LEU F 82 3.23 10.05 -18.08
C LEU F 82 1.91 9.93 -17.26
N TYR F 83 1.25 8.77 -17.27
CA TYR F 83 0.03 8.55 -16.46
C TYR F 83 0.23 7.60 -15.26
N GLN F 84 1.43 7.06 -15.10
CA GLN F 84 1.83 6.59 -13.79
C GLN F 84 2.25 7.83 -12.96
N GLY F 85 2.27 9.00 -13.65
CA GLY F 85 2.73 10.30 -13.11
C GLY F 85 1.65 11.35 -12.75
N ALA F 86 0.63 11.49 -13.61
CA ALA F 86 -0.57 12.30 -13.32
C ALA F 86 -1.65 12.19 -14.40
#